data_5KAP
#
_entry.id   5KAP
#
_cell.length_a   45.106
_cell.length_b   93.893
_cell.length_c   109.784
_cell.angle_alpha   90.00
_cell.angle_beta   90.00
_cell.angle_gamma   90.00
#
_symmetry.space_group_name_H-M   'P 2 2 21'
#
loop_
_entity.id
_entity.type
_entity.pdbx_description
1 polymer 'Hypoxanthine-guanine phosphoribosyltransferase'
2 non-polymer '4-(6-oxidanylidene-1~{H}-purin-9-yl)butylphosphonic acid'
3 non-polymer 'SULFATE ION'
4 non-polymer 'MAGNESIUM ION'
5 water water
#
_entity_poly.entity_id   1
_entity_poly.type   'polypeptide(L)'
_entity_poly.pdbx_seq_one_letter_code
;HHHHHHMEPACKYDFATSVLFTEAELHTRMRGVAQRIADDYSNCNLKPLENPLVIVSVLKGSFVFTADMVRILGDFGVPT
RVEFLRASSYGHDTKSCGRVDVKADGLCDIRGKHVLVLEDILDTALTLREVVDSLKKSEPASIKTLVAIDKPGGRKIPFT
AEYVVADVPNVFVVGYGLDYDQSYREVRDVVILKPSVYETWGKELERRKAAGEAKR
;
_entity_poly.pdbx_strand_id   A,B
#
# COMPACT_ATOMS: atom_id res chain seq x y z
N THR A 17 17.02 -29.85 3.69
CA THR A 17 16.34 -31.13 3.88
C THR A 17 15.94 -31.33 5.33
N SER A 18 16.60 -30.61 6.24
CA SER A 18 16.30 -30.71 7.65
C SER A 18 16.88 -29.49 8.36
N VAL A 19 16.38 -29.24 9.57
CA VAL A 19 16.85 -28.13 10.40
C VAL A 19 17.79 -28.67 11.45
N LEU A 20 18.97 -28.05 11.56
CA LEU A 20 19.96 -28.47 12.54
C LEU A 20 19.86 -27.66 13.83
N PHE A 21 19.82 -26.34 13.71
CA PHE A 21 19.74 -25.46 14.89
C PHE A 21 18.82 -24.30 14.56
N THR A 22 17.77 -24.13 15.37
CA THR A 22 16.90 -22.98 15.24
C THR A 22 17.50 -21.78 15.96
N GLU A 23 16.88 -20.61 15.78
CA GLU A 23 17.36 -19.42 16.45
C GLU A 23 17.24 -19.52 17.97
N ALA A 24 16.21 -20.22 18.44
CA ALA A 24 16.07 -20.43 19.89
C ALA A 24 17.18 -21.33 20.42
N GLU A 25 17.60 -22.31 19.63
CA GLU A 25 18.71 -23.16 20.05
C GLU A 25 20.03 -22.42 20.00
N LEU A 26 20.25 -21.63 18.95
CA LEU A 26 21.51 -20.90 18.80
C LEU A 26 21.66 -19.87 19.91
N HIS A 27 20.57 -19.21 20.31
CA HIS A 27 20.65 -18.26 21.40
C HIS A 27 20.98 -18.96 22.72
N THR A 28 20.38 -20.12 22.96
CA THR A 28 20.60 -20.83 24.22
C THR A 28 22.06 -21.18 24.41
N ARG A 29 22.73 -21.62 23.34
CA ARG A 29 24.17 -21.89 23.43
C ARG A 29 24.93 -20.62 23.74
N MET A 30 24.57 -19.51 23.10
CA MET A 30 25.24 -18.24 23.31
C MET A 30 24.98 -17.65 24.70
N ARG A 31 24.02 -18.21 25.45
CA ARG A 31 23.85 -17.81 26.84
C ARG A 31 25.02 -18.29 27.69
N GLY A 32 25.30 -19.59 27.66
CA GLY A 32 26.43 -20.12 28.40
C GLY A 32 27.77 -19.70 27.85
N VAL A 33 27.84 -19.46 26.54
CA VAL A 33 29.09 -18.97 25.94
C VAL A 33 29.40 -17.56 26.43
N ALA A 34 28.41 -16.68 26.41
CA ALA A 34 28.60 -15.34 26.96
C ALA A 34 28.91 -15.41 28.46
N GLN A 35 28.26 -16.34 29.17
CA GLN A 35 28.60 -16.57 30.57
C GLN A 35 30.03 -17.07 30.71
N ARG A 36 30.51 -17.86 29.75
CA ARG A 36 31.89 -18.31 29.77
C ARG A 36 32.86 -17.16 29.49
N ILE A 37 32.61 -16.43 28.40
CA ILE A 37 33.49 -15.31 28.04
C ILE A 37 33.47 -14.24 29.11
N ALA A 38 32.38 -14.14 29.88
CA ALA A 38 32.32 -13.20 30.98
C ALA A 38 33.29 -13.60 32.10
N ASP A 39 33.36 -14.89 32.41
CA ASP A 39 34.23 -15.35 33.48
C ASP A 39 35.70 -15.20 33.10
N ASP A 40 36.06 -15.62 31.89
CA ASP A 40 37.46 -15.59 31.46
C ASP A 40 37.97 -14.18 31.20
N TYR A 41 37.09 -13.18 31.16
CA TYR A 41 37.47 -11.79 30.93
C TYR A 41 37.05 -10.92 32.12
N SER A 42 37.16 -11.45 33.33
CA SER A 42 36.74 -10.72 34.52
C SER A 42 37.87 -9.87 35.11
N ASN A 43 39.05 -10.46 35.28
CA ASN A 43 40.13 -9.74 35.94
C ASN A 43 40.68 -8.61 35.08
N CYS A 44 40.67 -8.78 33.75
CA CYS A 44 41.09 -7.69 32.87
C CYS A 44 40.17 -6.49 33.02
N ASN A 45 38.86 -6.72 33.04
CA ASN A 45 37.83 -5.71 33.28
C ASN A 45 38.07 -4.43 32.47
N LEU A 46 37.60 -4.43 31.23
CA LEU A 46 37.77 -3.30 30.33
C LEU A 46 36.41 -2.77 29.92
N LYS A 47 36.31 -1.44 29.85
CA LYS A 47 35.02 -0.74 29.69
C LYS A 47 35.07 0.16 28.46
N PRO A 48 33.93 0.69 27.99
CA PRO A 48 33.94 1.54 26.80
C PRO A 48 34.93 2.69 26.91
N LEU A 49 35.43 3.12 25.75
CA LEU A 49 36.40 4.21 25.61
C LEU A 49 37.76 3.88 26.20
N GLU A 50 37.79 3.25 27.37
CA GLU A 50 39.04 2.77 27.96
C GLU A 50 39.66 1.70 27.06
N ASN A 51 39.40 0.43 27.39
CA ASN A 51 39.71 -0.68 26.48
C ASN A 51 38.39 -1.34 26.11
N PRO A 52 38.04 -1.43 24.83
CA PRO A 52 36.67 -1.80 24.47
C PRO A 52 36.43 -3.30 24.39
N LEU A 53 37.47 -4.08 24.11
CA LEU A 53 37.41 -5.48 23.67
C LEU A 53 37.00 -5.53 22.20
N VAL A 54 37.99 -5.63 21.32
CA VAL A 54 37.77 -5.50 19.87
C VAL A 54 37.15 -6.78 19.34
N ILE A 55 35.87 -6.73 19.00
CA ILE A 55 35.21 -7.85 18.34
C ILE A 55 35.58 -7.81 16.86
N VAL A 56 36.30 -8.82 16.40
CA VAL A 56 36.79 -8.90 15.04
C VAL A 56 35.85 -9.81 14.25
N SER A 57 35.03 -9.21 13.39
CA SER A 57 34.05 -9.95 12.59
C SER A 57 34.56 -10.13 11.17
N VAL A 58 34.36 -11.33 10.64
CA VAL A 58 34.85 -11.71 9.32
C VAL A 58 33.65 -11.74 8.38
N LEU A 59 33.51 -10.69 7.59
CA LEU A 59 32.41 -10.57 6.62
C LEU A 59 32.49 -11.66 5.55
N LYS A 60 31.35 -12.05 4.97
CA LYS A 60 30.06 -11.45 5.27
C LYS A 60 29.21 -12.32 6.20
N GLY A 61 29.51 -13.61 6.21
CA GLY A 61 28.65 -14.58 6.87
C GLY A 61 28.50 -14.37 8.36
N SER A 62 29.43 -13.66 9.00
CA SER A 62 29.44 -13.51 10.44
C SER A 62 28.76 -12.23 10.92
N PHE A 63 27.97 -11.58 10.07
CA PHE A 63 27.31 -10.35 10.49
C PHE A 63 26.04 -10.63 11.29
N VAL A 64 25.36 -11.74 11.01
CA VAL A 64 24.21 -12.12 11.81
C VAL A 64 24.66 -12.58 13.20
N PHE A 65 25.71 -13.40 13.26
CA PHE A 65 26.21 -13.88 14.54
C PHE A 65 26.84 -12.77 15.37
N THR A 66 27.36 -11.74 14.71
CA THR A 66 28.00 -10.64 15.45
C THR A 66 26.95 -9.74 16.11
N ALA A 67 25.91 -9.37 15.36
CA ALA A 67 24.89 -8.46 15.90
C ALA A 67 24.16 -9.09 17.09
N ASP A 68 24.01 -10.42 17.09
CA ASP A 68 23.35 -11.07 18.21
C ASP A 68 24.29 -11.28 19.39
N MET A 69 25.58 -11.53 19.13
CA MET A 69 26.50 -11.87 20.21
C MET A 69 26.92 -10.64 21.01
N VAL A 70 27.18 -9.51 20.33
CA VAL A 70 27.66 -8.33 21.04
C VAL A 70 26.59 -7.81 22.01
N ARG A 71 25.31 -8.05 21.71
CA ARG A 71 24.26 -7.66 22.64
C ARG A 71 24.20 -8.61 23.82
N ILE A 72 24.30 -9.92 23.58
CA ILE A 72 24.26 -10.88 24.67
C ILE A 72 25.45 -10.69 25.60
N LEU A 73 26.62 -10.35 25.04
CA LEU A 73 27.75 -10.03 25.88
C LEU A 73 27.47 -8.80 26.73
N GLY A 74 26.78 -7.81 26.17
CA GLY A 74 26.38 -6.65 26.95
C GLY A 74 25.38 -6.99 28.05
N ASP A 75 24.57 -8.02 27.82
CA ASP A 75 23.63 -8.46 28.86
C ASP A 75 24.37 -9.04 30.06
N PHE A 76 25.55 -9.64 29.84
CA PHE A 76 26.38 -10.17 30.91
C PHE A 76 27.50 -9.22 31.32
N GLY A 77 27.36 -7.94 31.01
CA GLY A 77 28.33 -6.94 31.43
C GLY A 77 29.66 -7.03 30.70
N VAL A 78 29.64 -7.28 29.40
CA VAL A 78 30.85 -7.38 28.59
C VAL A 78 30.72 -6.39 27.43
N PRO A 79 31.30 -5.20 27.55
CA PRO A 79 31.26 -4.24 26.44
C PRO A 79 32.11 -4.71 25.26
N THR A 80 31.78 -4.18 24.09
CA THR A 80 32.40 -4.62 22.84
C THR A 80 32.74 -3.41 21.97
N ARG A 81 33.47 -3.70 20.90
CA ARG A 81 33.74 -2.74 19.83
C ARG A 81 34.03 -3.54 18.57
N VAL A 82 33.25 -3.33 17.52
CA VAL A 82 33.25 -4.23 16.37
C VAL A 82 34.09 -3.62 15.24
N GLU A 83 34.97 -4.44 14.67
CA GLU A 83 35.68 -4.11 13.45
C GLU A 83 35.38 -5.18 12.41
N PHE A 84 35.36 -4.78 11.15
CA PHE A 84 34.99 -5.68 10.06
C PHE A 84 36.11 -5.76 9.02
N LEU A 85 36.27 -6.95 8.44
CA LEU A 85 37.24 -7.19 7.39
C LEU A 85 36.60 -8.09 6.33
N ARG A 86 37.21 -8.06 5.14
CA ARG A 86 36.64 -8.72 3.96
C ARG A 86 35.23 -8.23 3.68
N ILE A 110 44.56 -0.91 16.63
CA ILE A 110 44.98 -2.18 17.21
C ILE A 110 46.15 -1.92 18.17
N ARG A 111 46.64 -3.00 18.79
CA ARG A 111 47.77 -3.01 19.72
C ARG A 111 47.36 -2.53 21.11
N GLY A 112 47.80 -3.26 22.14
CA GLY A 112 47.49 -2.92 23.51
C GLY A 112 46.11 -3.32 23.99
N LYS A 113 45.23 -3.74 23.10
CA LYS A 113 43.85 -4.07 23.45
C LYS A 113 43.56 -5.52 23.13
N HIS A 114 42.59 -6.09 23.85
CA HIS A 114 42.23 -7.48 23.68
C HIS A 114 41.48 -7.69 22.37
N VAL A 115 41.63 -8.87 21.80
CA VAL A 115 41.05 -9.21 20.51
C VAL A 115 40.25 -10.51 20.66
N LEU A 116 39.05 -10.52 20.09
CA LEU A 116 38.20 -11.72 20.04
C LEU A 116 37.62 -11.81 18.64
N VAL A 117 38.20 -12.67 17.81
CA VAL A 117 37.76 -12.83 16.43
C VAL A 117 36.50 -13.68 16.41
N LEU A 118 35.53 -13.28 15.59
CA LEU A 118 34.26 -13.97 15.47
C LEU A 118 34.06 -14.43 14.03
N GLU A 119 33.93 -15.74 13.85
CA GLU A 119 33.62 -16.34 12.55
C GLU A 119 32.24 -16.98 12.60
N ASP A 120 31.55 -16.96 11.46
CA ASP A 120 30.25 -17.60 11.40
C ASP A 120 30.36 -19.12 11.38
N ILE A 121 31.33 -19.65 10.64
CA ILE A 121 31.54 -21.09 10.54
C ILE A 121 33.04 -21.36 10.50
N LEU A 122 33.45 -22.44 11.17
CA LEU A 122 34.86 -22.84 11.24
C LEU A 122 34.97 -24.21 10.55
N ASP A 123 35.40 -24.20 9.29
CA ASP A 123 35.45 -25.41 8.49
C ASP A 123 36.92 -25.76 8.26
N THR A 124 37.53 -25.29 7.17
CA THR A 124 38.92 -25.63 6.91
C THR A 124 39.88 -24.91 7.85
N ALA A 125 39.41 -23.87 8.55
CA ALA A 125 40.19 -23.07 9.48
C ALA A 125 41.35 -22.33 8.81
N LEU A 126 41.42 -22.35 7.48
CA LEU A 126 42.49 -21.64 6.79
C LEU A 126 42.27 -20.13 6.84
N THR A 127 41.04 -19.68 6.65
CA THR A 127 40.76 -18.25 6.69
C THR A 127 40.95 -17.69 8.10
N LEU A 128 40.56 -18.45 9.12
CA LEU A 128 40.74 -17.98 10.49
C LEU A 128 42.20 -18.04 10.91
N ARG A 129 42.97 -18.97 10.35
CA ARG A 129 44.40 -19.04 10.65
C ARG A 129 45.12 -17.77 10.22
N GLU A 130 44.83 -17.29 9.00
CA GLU A 130 45.49 -16.11 8.49
C GLU A 130 45.10 -14.86 9.28
N VAL A 131 43.87 -14.79 9.77
CA VAL A 131 43.43 -13.63 10.53
C VAL A 131 44.10 -13.59 11.90
N VAL A 132 44.12 -14.73 12.59
CA VAL A 132 44.71 -14.78 13.93
C VAL A 132 46.18 -14.41 13.89
N ASP A 133 46.91 -14.92 12.88
CA ASP A 133 48.33 -14.58 12.77
C ASP A 133 48.53 -13.13 12.39
N SER A 134 47.75 -12.62 11.42
CA SER A 134 47.89 -11.23 11.01
CA SER A 134 47.90 -11.23 11.00
C SER A 134 47.51 -10.26 12.11
N LEU A 135 46.60 -10.66 13.01
CA LEU A 135 46.20 -9.78 14.09
C LEU A 135 47.21 -9.79 15.23
N LYS A 136 47.83 -10.94 15.51
CA LYS A 136 48.78 -11.03 16.60
C LYS A 136 50.04 -10.19 16.36
N LYS A 137 50.27 -9.77 15.12
CA LYS A 137 51.44 -8.95 14.83
C LYS A 137 51.35 -7.60 15.53
N SER A 138 50.17 -6.99 15.54
CA SER A 138 49.97 -5.69 16.21
C SER A 138 49.61 -5.91 17.68
N GLU A 139 50.59 -6.46 18.42
CA GLU A 139 50.61 -6.72 19.85
C GLU A 139 49.25 -6.68 20.54
N PRO A 140 48.39 -7.67 20.32
CA PRO A 140 47.13 -7.71 21.07
C PRO A 140 47.36 -8.12 22.52
N ALA A 141 46.71 -7.41 23.44
CA ALA A 141 46.82 -7.73 24.86
C ALA A 141 46.14 -9.06 25.22
N SER A 142 45.51 -9.72 24.24
CA SER A 142 44.90 -11.03 24.37
C SER A 142 44.29 -11.37 23.02
N ILE A 143 44.10 -12.66 22.74
CA ILE A 143 43.47 -13.07 21.48
C ILE A 143 42.84 -14.44 21.66
N LYS A 144 41.56 -14.52 21.29
CA LYS A 144 40.81 -15.78 21.28
C LYS A 144 39.89 -15.76 20.08
N THR A 145 39.24 -16.90 19.83
CA THR A 145 38.33 -17.04 18.70
C THR A 145 36.99 -17.59 19.17
N LEU A 146 35.92 -17.04 18.60
CA LEU A 146 34.55 -17.44 18.91
C LEU A 146 33.83 -17.72 17.60
N VAL A 147 33.45 -18.97 17.38
CA VAL A 147 32.76 -19.37 16.16
C VAL A 147 31.36 -19.85 16.52
N ALA A 148 30.43 -19.64 15.60
CA ALA A 148 29.04 -20.06 15.79
C ALA A 148 28.83 -21.52 15.39
N ILE A 149 29.29 -21.90 14.20
CA ILE A 149 29.18 -23.26 13.70
C ILE A 149 30.59 -23.80 13.51
N ASP A 150 30.86 -24.97 14.07
CA ASP A 150 32.17 -25.61 13.98
C ASP A 150 32.03 -26.97 13.32
N LYS A 151 32.80 -27.18 12.24
CA LYS A 151 32.86 -28.45 11.54
C LYS A 151 34.23 -29.05 11.75
N PRO A 152 34.46 -29.79 12.84
CA PRO A 152 35.82 -30.32 13.10
C PRO A 152 36.29 -31.30 12.05
N GLY A 153 35.38 -31.98 11.36
CA GLY A 153 35.75 -32.94 10.34
C GLY A 153 36.14 -32.38 9.01
N GLY A 154 36.07 -31.05 8.84
CA GLY A 154 36.42 -30.45 7.56
C GLY A 154 37.66 -29.59 7.62
N ARG A 155 38.55 -29.88 8.57
CA ARG A 155 39.76 -29.11 8.76
C ARG A 155 40.82 -29.49 7.74
N LYS A 156 41.48 -28.47 7.19
CA LYS A 156 42.72 -28.68 6.45
C LYS A 156 43.95 -28.53 7.33
N ILE A 157 43.81 -27.84 8.46
CA ILE A 157 44.90 -27.68 9.43
C ILE A 157 44.32 -27.79 10.83
N PRO A 158 45.11 -28.28 11.78
CA PRO A 158 44.64 -28.38 13.17
C PRO A 158 44.40 -27.00 13.76
N PHE A 159 43.18 -26.77 14.25
CA PHE A 159 42.82 -25.51 14.86
C PHE A 159 41.66 -25.73 15.81
N THR A 160 41.79 -25.21 17.03
CA THR A 160 40.76 -25.35 18.06
C THR A 160 40.39 -23.96 18.56
N ALA A 161 39.13 -23.60 18.38
CA ALA A 161 38.64 -22.31 18.87
C ALA A 161 38.34 -22.38 20.35
N GLU A 162 38.55 -21.25 21.04
CA GLU A 162 38.35 -21.21 22.49
C GLU A 162 36.88 -21.37 22.85
N TYR A 163 35.99 -20.74 22.08
CA TYR A 163 34.56 -20.80 22.35
C TYR A 163 33.81 -21.19 21.09
N VAL A 164 32.94 -22.19 21.19
CA VAL A 164 32.15 -22.68 20.07
C VAL A 164 30.69 -22.69 20.48
N VAL A 165 29.83 -22.13 19.63
CA VAL A 165 28.40 -22.11 19.92
C VAL A 165 27.80 -23.50 19.74
N ALA A 166 28.03 -24.12 18.58
CA ALA A 166 27.49 -25.44 18.29
C ALA A 166 28.38 -26.15 17.30
N ASP A 167 28.37 -27.48 17.37
CA ASP A 167 29.08 -28.34 16.43
C ASP A 167 28.11 -28.89 15.39
N VAL A 168 28.62 -29.04 14.17
CA VAL A 168 27.81 -29.52 13.05
C VAL A 168 28.60 -30.56 12.27
N PRO A 169 27.98 -31.69 11.89
CA PRO A 169 28.69 -32.67 11.06
C PRO A 169 29.06 -32.10 9.71
N ASN A 170 29.85 -32.87 8.97
CA ASN A 170 30.42 -32.41 7.70
C ASN A 170 29.33 -32.45 6.62
N VAL A 171 28.52 -31.40 6.60
CA VAL A 171 27.51 -31.18 5.57
C VAL A 171 27.53 -29.70 5.19
N PHE A 172 26.88 -29.39 4.09
CA PHE A 172 26.79 -28.01 3.61
C PHE A 172 25.51 -27.38 4.12
N VAL A 173 25.63 -26.35 4.95
CA VAL A 173 24.49 -25.75 5.62
C VAL A 173 24.42 -24.26 5.30
N VAL A 174 23.23 -23.70 5.48
CA VAL A 174 22.96 -22.28 5.29
C VAL A 174 22.14 -21.77 6.45
N GLY A 175 21.90 -20.46 6.46
CA GLY A 175 21.12 -19.83 7.51
C GLY A 175 22.00 -19.22 8.59
N TYR A 176 21.43 -18.23 9.28
CA TYR A 176 22.12 -17.49 10.34
C TYR A 176 23.45 -16.93 9.83
N GLY A 177 23.39 -16.27 8.68
CA GLY A 177 24.55 -15.69 8.04
C GLY A 177 25.22 -16.58 7.01
N LEU A 178 25.14 -17.90 7.19
CA LEU A 178 25.71 -18.83 6.21
C LEU A 178 24.97 -18.71 4.88
N ASP A 179 25.70 -18.89 3.79
CA ASP A 179 25.17 -18.61 2.48
C ASP A 179 25.60 -19.66 1.47
N TYR A 180 24.87 -19.70 0.35
CA TYR A 180 25.29 -20.41 -0.85
C TYR A 180 25.20 -19.44 -2.02
N ASP A 181 26.35 -18.97 -2.49
CA ASP A 181 26.43 -17.98 -3.57
C ASP A 181 25.62 -16.72 -3.22
N GLN A 182 25.87 -16.19 -2.02
CA GLN A 182 25.27 -14.94 -1.56
C GLN A 182 23.74 -15.04 -1.53
N SER A 183 23.25 -16.01 -0.75
CA SER A 183 21.82 -16.24 -0.62
C SER A 183 21.58 -17.06 0.64
N TYR A 184 20.33 -17.02 1.11
CA TYR A 184 19.83 -17.79 2.26
C TYR A 184 20.47 -17.36 3.58
N ARG A 185 21.16 -16.22 3.62
CA ARG A 185 21.67 -15.72 4.90
C ARG A 185 20.53 -15.30 5.82
N GLU A 186 19.40 -14.86 5.24
CA GLU A 186 18.28 -14.35 6.02
C GLU A 186 17.55 -15.43 6.80
N VAL A 187 17.87 -16.70 6.58
CA VAL A 187 17.20 -17.78 7.30
C VAL A 187 17.59 -17.72 8.77
N ARG A 188 16.58 -17.67 9.64
CA ARG A 188 16.82 -17.54 11.08
C ARG A 188 17.36 -18.81 11.71
N ASP A 189 17.43 -19.91 10.98
CA ASP A 189 17.88 -21.19 11.51
C ASP A 189 18.96 -21.77 10.61
N VAL A 190 19.82 -22.59 11.20
CA VAL A 190 20.86 -23.30 10.45
C VAL A 190 20.25 -24.60 9.92
N VAL A 191 20.13 -24.70 8.61
CA VAL A 191 19.48 -25.83 7.96
C VAL A 191 20.41 -26.42 6.90
N ILE A 192 20.08 -27.63 6.46
CA ILE A 192 20.81 -28.31 5.40
C ILE A 192 20.05 -28.12 4.10
N LEU A 193 20.76 -27.63 3.08
CA LEU A 193 20.12 -27.31 1.80
C LEU A 193 19.96 -28.56 0.95
N LYS A 194 18.88 -28.59 0.18
CA LYS A 194 18.63 -29.71 -0.71
C LYS A 194 19.62 -29.67 -1.87
N PRO A 195 20.18 -30.83 -2.27
CA PRO A 195 21.23 -30.82 -3.29
C PRO A 195 20.74 -30.54 -4.70
N SER A 196 19.44 -30.67 -4.96
CA SER A 196 18.90 -30.49 -6.31
C SER A 196 18.77 -29.03 -6.72
N VAL A 197 19.43 -28.10 -6.02
CA VAL A 197 19.44 -26.70 -6.40
C VAL A 197 20.67 -26.33 -7.22
N TYR A 198 21.70 -27.18 -7.24
CA TYR A 198 22.91 -26.90 -7.98
C TYR A 198 22.67 -26.96 -9.49
N TYR B 13 -50.37 6.37 -23.09
CA TYR B 13 -50.04 7.20 -24.24
C TYR B 13 -50.13 6.40 -25.54
N ASP B 14 -50.07 7.11 -26.67
CA ASP B 14 -50.07 6.46 -27.98
C ASP B 14 -48.68 5.90 -28.31
N PHE B 15 -47.63 6.66 -28.02
CA PHE B 15 -46.26 6.33 -28.38
C PHE B 15 -45.53 5.55 -27.29
N ALA B 16 -46.25 4.98 -26.33
CA ALA B 16 -45.63 4.33 -25.19
C ALA B 16 -46.21 2.93 -25.02
N THR B 17 -45.33 1.93 -24.99
CA THR B 17 -45.77 0.58 -24.63
C THR B 17 -46.07 0.48 -23.14
N SER B 18 -45.32 1.20 -22.30
CA SER B 18 -45.51 1.17 -20.87
C SER B 18 -44.84 2.40 -20.26
N VAL B 19 -45.28 2.75 -19.06
CA VAL B 19 -44.73 3.88 -18.31
C VAL B 19 -43.78 3.34 -17.26
N LEU B 20 -42.51 3.76 -17.33
CA LEU B 20 -41.53 3.29 -16.36
C LEU B 20 -41.63 4.07 -15.05
N PHE B 21 -41.68 5.39 -15.13
CA PHE B 21 -41.80 6.23 -13.94
C PHE B 21 -42.77 7.36 -14.25
N THR B 22 -43.81 7.48 -13.44
CA THR B 22 -44.74 8.59 -13.59
C THR B 22 -44.09 9.89 -13.08
N GLU B 23 -44.83 10.99 -13.21
CA GLU B 23 -44.32 12.28 -12.75
C GLU B 23 -44.24 12.34 -11.23
N ALA B 24 -45.18 11.68 -10.53
CA ALA B 24 -45.17 11.68 -9.08
C ALA B 24 -44.07 10.78 -8.52
N GLU B 25 -43.74 9.70 -9.25
CA GLU B 25 -42.65 8.83 -8.80
C GLU B 25 -41.31 9.56 -8.83
N LEU B 26 -41.06 10.33 -9.89
CA LEU B 26 -39.79 11.05 -10.00
C LEU B 26 -39.69 12.13 -8.93
N HIS B 27 -40.78 12.85 -8.68
CA HIS B 27 -40.74 13.92 -7.68
C HIS B 27 -40.47 13.37 -6.29
N THR B 28 -41.04 12.21 -5.96
CA THR B 28 -40.81 11.62 -4.65
C THR B 28 -39.36 11.18 -4.48
N ARG B 29 -38.77 10.60 -5.53
CA ARG B 29 -37.36 10.21 -5.45
C ARG B 29 -36.46 11.43 -5.42
N MET B 30 -36.82 12.49 -6.14
CA MET B 30 -36.01 13.70 -6.15
C MET B 30 -36.03 14.39 -4.79
N ARG B 31 -37.08 14.18 -3.99
CA ARG B 31 -37.09 14.73 -2.64
C ARG B 31 -36.18 13.93 -1.72
N GLY B 32 -36.19 12.60 -1.84
CA GLY B 32 -35.25 11.79 -1.09
C GLY B 32 -33.81 12.07 -1.47
N VAL B 33 -33.56 12.38 -2.74
CA VAL B 33 -32.22 12.78 -3.16
C VAL B 33 -31.89 14.17 -2.63
N ALA B 34 -32.87 15.07 -2.62
CA ALA B 34 -32.64 16.42 -2.12
C ALA B 34 -32.24 16.42 -0.66
N GLN B 35 -32.89 15.57 0.16
CA GLN B 35 -32.49 15.44 1.56
C GLN B 35 -31.06 14.94 1.68
N ARG B 36 -30.66 14.03 0.78
CA ARG B 36 -29.29 13.56 0.76
C ARG B 36 -28.32 14.67 0.34
N ILE B 37 -28.70 15.43 -0.69
CA ILE B 37 -27.85 16.54 -1.13
C ILE B 37 -27.77 17.60 -0.04
N ALA B 38 -28.87 17.85 0.66
CA ALA B 38 -28.86 18.84 1.72
C ALA B 38 -27.96 18.43 2.88
N ASP B 39 -27.91 17.12 3.17
CA ASP B 39 -27.05 16.64 4.26
C ASP B 39 -25.58 16.68 3.87
N ASP B 40 -25.26 16.35 2.62
CA ASP B 40 -23.88 16.32 2.17
C ASP B 40 -23.31 17.69 1.83
N TYR B 41 -24.10 18.76 1.97
CA TYR B 41 -23.63 20.10 1.67
C TYR B 41 -23.86 21.08 2.82
N SER B 42 -24.31 20.58 3.99
CA SER B 42 -24.57 21.49 5.10
C SER B 42 -23.29 22.05 5.69
N ASN B 43 -22.20 21.29 5.64
CA ASN B 43 -20.93 21.76 6.16
C ASN B 43 -20.24 22.75 5.22
N CYS B 44 -20.72 22.89 3.99
CA CYS B 44 -20.13 23.81 3.03
C CYS B 44 -20.57 25.26 3.25
N ASN B 45 -21.60 25.48 4.08
CA ASN B 45 -22.14 26.81 4.36
C ASN B 45 -22.55 27.51 3.06
N LEU B 46 -23.57 26.94 2.43
CA LEU B 46 -24.12 27.51 1.21
C LEU B 46 -25.02 28.69 1.55
N LYS B 47 -24.87 29.78 0.79
CA LYS B 47 -25.56 31.03 1.07
C LYS B 47 -25.97 31.68 -0.24
N PRO B 48 -27.16 32.25 -0.32
CA PRO B 48 -27.55 32.99 -1.52
C PRO B 48 -26.57 34.10 -1.83
N LEU B 49 -26.32 34.30 -3.13
CA LEU B 49 -25.40 35.33 -3.63
C LEU B 49 -23.96 35.06 -3.21
N GLU B 50 -23.70 34.99 -1.91
CA GLU B 50 -22.33 34.90 -1.41
C GLU B 50 -21.66 33.61 -1.84
N ASN B 51 -22.27 32.46 -1.48
CA ASN B 51 -21.71 31.14 -1.80
C ASN B 51 -22.83 30.22 -2.26
N PRO B 52 -23.34 30.42 -3.47
CA PRO B 52 -24.39 29.54 -3.98
C PRO B 52 -23.82 28.22 -4.48
N LEU B 53 -24.72 27.25 -4.65
CA LEU B 53 -24.37 25.95 -5.22
C LEU B 53 -24.59 26.01 -6.72
N VAL B 54 -23.50 26.06 -7.48
CA VAL B 54 -23.57 26.22 -8.93
C VAL B 54 -24.14 24.95 -9.55
N ILE B 55 -25.31 25.06 -10.15
CA ILE B 55 -25.96 23.97 -10.86
C ILE B 55 -25.67 24.11 -12.35
N VAL B 56 -25.00 23.12 -12.92
CA VAL B 56 -24.70 23.11 -14.35
C VAL B 56 -25.66 22.14 -15.03
N SER B 57 -26.46 22.66 -15.96
CA SER B 57 -27.46 21.87 -16.67
C SER B 57 -26.97 21.59 -18.08
N VAL B 58 -27.06 20.34 -18.50
CA VAL B 58 -26.58 19.91 -19.81
C VAL B 58 -27.76 19.94 -20.77
N LEU B 59 -27.84 21.01 -21.56
CA LEU B 59 -28.89 21.16 -22.57
C LEU B 59 -28.82 20.03 -23.60
N LYS B 60 -29.96 19.61 -24.14
CA LYS B 60 -31.26 20.22 -23.84
C LYS B 60 -32.06 19.46 -22.79
N GLY B 61 -32.08 18.13 -22.93
CA GLY B 61 -32.96 17.26 -22.17
C GLY B 61 -33.02 17.46 -20.68
N SER B 62 -31.97 18.04 -20.09
CA SER B 62 -31.91 18.22 -18.65
C SER B 62 -32.58 19.50 -18.17
N PHE B 63 -33.24 20.25 -19.05
CA PHE B 63 -33.85 21.50 -18.61
C PHE B 63 -35.12 21.25 -17.81
N VAL B 64 -35.87 20.21 -18.16
CA VAL B 64 -37.05 19.84 -17.36
C VAL B 64 -36.62 19.37 -15.99
N PHE B 65 -35.61 18.49 -15.93
CA PHE B 65 -35.13 17.98 -14.65
C PHE B 65 -34.46 19.07 -13.81
N THR B 66 -33.79 20.03 -14.46
CA THR B 66 -33.16 21.12 -13.72
C THR B 66 -34.20 22.03 -13.09
N ALA B 67 -35.23 22.41 -13.86
CA ALA B 67 -36.25 23.31 -13.35
C ALA B 67 -36.99 22.71 -12.17
N ASP B 68 -37.21 21.39 -12.19
CA ASP B 68 -37.90 20.73 -11.09
C ASP B 68 -36.97 20.52 -9.89
N MET B 69 -35.70 20.21 -10.15
CA MET B 69 -34.79 19.84 -9.06
C MET B 69 -34.37 21.05 -8.24
N VAL B 70 -34.05 22.18 -8.89
CA VAL B 70 -33.56 23.34 -8.16
C VAL B 70 -34.62 23.86 -7.21
N ARG B 71 -35.89 23.78 -7.59
CA ARG B 71 -36.97 24.21 -6.69
C ARG B 71 -37.11 23.26 -5.52
N ILE B 72 -36.96 21.95 -5.76
CA ILE B 72 -37.00 20.98 -4.67
C ILE B 72 -35.80 21.17 -3.74
N LEU B 73 -34.62 21.44 -4.31
CA LEU B 73 -33.45 21.73 -3.49
C LEU B 73 -33.66 22.98 -2.64
N GLY B 74 -34.39 23.96 -3.17
CA GLY B 74 -34.70 25.14 -2.38
C GLY B 74 -35.60 24.85 -1.21
N ASP B 75 -36.52 23.88 -1.36
CA ASP B 75 -37.41 23.52 -0.25
C ASP B 75 -36.63 22.92 0.91
N PHE B 76 -35.47 22.32 0.64
CA PHE B 76 -34.62 21.76 1.68
C PHE B 76 -33.50 22.71 2.08
N GLY B 77 -33.61 23.98 1.71
CA GLY B 77 -32.65 24.98 2.16
C GLY B 77 -31.30 24.92 1.46
N VAL B 78 -31.29 24.67 0.16
CA VAL B 78 -30.07 24.60 -0.62
C VAL B 78 -30.11 25.71 -1.66
N PRO B 79 -29.39 26.81 -1.43
CA PRO B 79 -29.35 27.88 -2.43
C PRO B 79 -28.74 27.39 -3.73
N THR B 80 -29.31 27.85 -4.85
CA THR B 80 -28.96 27.34 -6.18
C THR B 80 -28.53 28.48 -7.09
N ARG B 81 -27.64 28.16 -8.02
CA ARG B 81 -27.25 29.07 -9.10
C ARG B 81 -27.10 28.23 -10.37
N VAL B 82 -27.95 28.47 -11.35
CA VAL B 82 -28.02 27.58 -12.52
C VAL B 82 -27.13 28.12 -13.63
N GLU B 83 -26.55 27.20 -14.39
CA GLU B 83 -25.83 27.48 -15.63
C GLU B 83 -26.30 26.48 -16.68
N PHE B 84 -25.84 26.68 -17.92
CA PHE B 84 -26.25 25.82 -19.01
C PHE B 84 -25.10 25.61 -19.99
N LEU B 85 -24.80 24.34 -20.26
CA LEU B 85 -23.81 23.96 -21.25
C LEU B 85 -24.51 23.42 -22.49
N ARG B 86 -23.83 23.53 -23.64
CA ARG B 86 -24.39 23.17 -24.93
C ARG B 86 -25.69 23.93 -25.21
N CYS B 108 -17.57 30.45 -17.62
CA CYS B 108 -18.02 30.04 -16.30
C CYS B 108 -17.10 30.56 -15.20
N ASP B 109 -17.66 31.24 -14.22
CA ASP B 109 -16.93 31.76 -13.06
C ASP B 109 -17.30 30.89 -11.86
N ILE B 110 -16.69 29.71 -11.80
CA ILE B 110 -17.01 28.71 -10.78
C ILE B 110 -15.80 28.37 -9.91
N ARG B 111 -14.73 29.14 -10.00
CA ARG B 111 -13.53 28.83 -9.22
C ARG B 111 -13.78 29.06 -7.74
N GLY B 112 -13.48 28.04 -6.93
CA GLY B 112 -13.71 28.10 -5.51
C GLY B 112 -15.13 27.82 -5.07
N LYS B 113 -16.02 27.45 -5.99
CA LYS B 113 -17.41 27.16 -5.68
C LYS B 113 -17.68 25.67 -5.86
N HIS B 114 -18.80 25.22 -5.29
CA HIS B 114 -19.23 23.84 -5.41
C HIS B 114 -20.10 23.70 -6.65
N VAL B 115 -19.72 22.79 -7.54
CA VAL B 115 -20.41 22.57 -8.81
C VAL B 115 -21.16 21.26 -8.72
N LEU B 116 -22.43 21.27 -9.13
CA LEU B 116 -23.25 20.06 -9.22
C LEU B 116 -23.78 19.96 -10.64
N VAL B 117 -23.21 19.05 -11.42
CA VAL B 117 -23.64 18.85 -12.80
C VAL B 117 -24.91 18.02 -12.81
N LEU B 118 -25.88 18.45 -13.63
CA LEU B 118 -27.16 17.77 -13.77
C LEU B 118 -27.38 17.41 -15.24
N GLU B 119 -27.75 16.16 -15.49
CA GLU B 119 -28.07 15.71 -16.84
C GLU B 119 -29.31 14.84 -16.79
N ASP B 120 -30.06 14.84 -17.88
CA ASP B 120 -31.32 14.11 -17.93
C ASP B 120 -31.10 12.60 -17.86
N ILE B 121 -30.13 12.08 -18.60
CA ILE B 121 -29.84 10.65 -18.62
C ILE B 121 -28.34 10.44 -18.56
N LEU B 122 -27.94 9.31 -17.98
CA LEU B 122 -26.55 8.90 -17.90
C LEU B 122 -26.44 7.53 -18.57
N ASP B 123 -25.91 7.51 -19.79
CA ASP B 123 -25.81 6.29 -20.60
C ASP B 123 -24.35 5.90 -20.81
N THR B 124 -23.76 6.38 -21.91
CA THR B 124 -22.37 6.05 -22.21
C THR B 124 -21.38 6.79 -21.31
N ALA B 125 -21.82 7.84 -20.62
CA ALA B 125 -20.99 8.66 -19.73
C ALA B 125 -19.87 9.38 -20.46
N LEU B 126 -19.83 9.32 -21.79
CA LEU B 126 -18.81 10.03 -22.54
C LEU B 126 -19.02 11.54 -22.45
N THR B 127 -20.28 11.98 -22.52
CA THR B 127 -20.56 13.41 -22.43
C THR B 127 -20.30 13.94 -21.02
N LEU B 128 -20.76 13.20 -20.01
CA LEU B 128 -20.64 13.68 -18.63
C LEU B 128 -19.19 13.72 -18.18
N ARG B 129 -18.38 12.74 -18.61
CA ARG B 129 -16.95 12.76 -18.26
C ARG B 129 -16.25 13.94 -18.93
N GLU B 130 -16.59 14.23 -20.19
CA GLU B 130 -15.99 15.39 -20.86
C GLU B 130 -16.45 16.69 -20.20
N VAL B 131 -17.71 16.74 -19.77
CA VAL B 131 -18.21 17.96 -19.12
C VAL B 131 -17.49 18.18 -17.79
N VAL B 132 -17.34 17.12 -17.00
CA VAL B 132 -16.67 17.26 -15.70
C VAL B 132 -15.22 17.67 -15.88
N ASP B 133 -14.51 16.98 -16.78
CA ASP B 133 -13.09 17.29 -17.01
C ASP B 133 -12.91 18.74 -17.45
N SER B 134 -13.81 19.25 -18.29
CA SER B 134 -13.72 20.64 -18.71
CA SER B 134 -13.72 20.64 -18.71
C SER B 134 -13.95 21.59 -17.54
N LEU B 135 -14.78 21.19 -16.57
CA LEU B 135 -15.03 22.04 -15.41
C LEU B 135 -13.90 21.97 -14.39
N LYS B 136 -13.16 20.86 -14.35
CA LYS B 136 -12.05 20.75 -13.43
C LYS B 136 -10.89 21.66 -13.80
N LYS B 137 -10.81 22.09 -15.07
CA LYS B 137 -9.79 23.05 -15.47
C LYS B 137 -10.00 24.39 -14.78
N SER B 138 -11.25 24.75 -14.50
CA SER B 138 -11.58 25.98 -13.76
C SER B 138 -11.40 25.82 -12.25
N GLU B 139 -10.79 24.71 -11.81
CA GLU B 139 -10.54 24.31 -10.43
C GLU B 139 -11.61 24.81 -9.46
N PRO B 140 -12.76 24.16 -9.40
CA PRO B 140 -13.76 24.49 -8.39
C PRO B 140 -13.40 23.87 -7.05
N ALA B 141 -14.15 24.28 -6.02
CA ALA B 141 -13.96 23.69 -4.70
C ALA B 141 -14.31 22.21 -4.71
N SER B 142 -15.37 21.84 -5.42
CA SER B 142 -15.79 20.45 -5.55
C SER B 142 -16.71 20.35 -6.75
N ILE B 143 -16.84 19.13 -7.28
CA ILE B 143 -17.71 18.89 -8.42
C ILE B 143 -18.26 17.48 -8.32
N LYS B 144 -19.59 17.36 -8.37
CA LYS B 144 -20.29 16.09 -8.33
C LYS B 144 -21.33 16.06 -9.45
N THR B 145 -22.04 14.94 -9.56
CA THR B 145 -23.01 14.75 -10.64
C THR B 145 -24.32 14.23 -10.09
N LEU B 146 -25.41 14.62 -10.74
CA LEU B 146 -26.76 14.18 -10.40
C LEU B 146 -27.52 13.92 -11.69
N VAL B 147 -28.04 12.70 -11.85
CA VAL B 147 -28.74 12.32 -13.06
C VAL B 147 -30.13 11.84 -12.70
N ALA B 148 -31.08 12.12 -13.60
CA ALA B 148 -32.47 11.70 -13.38
C ALA B 148 -32.68 10.25 -13.80
N ILE B 149 -32.16 9.87 -14.96
CA ILE B 149 -32.24 8.51 -15.48
C ILE B 149 -30.83 7.98 -15.64
N ASP B 150 -30.60 6.77 -15.15
CA ASP B 150 -29.29 6.13 -15.22
C ASP B 150 -29.43 4.78 -15.91
N LYS B 151 -28.66 4.58 -16.98
CA LYS B 151 -28.61 3.30 -17.69
C LYS B 151 -27.22 2.72 -17.52
N PRO B 152 -26.96 1.98 -16.44
CA PRO B 152 -25.60 1.45 -16.22
C PRO B 152 -25.15 0.44 -17.26
N GLY B 153 -26.08 -0.20 -17.96
CA GLY B 153 -25.74 -1.17 -18.98
C GLY B 153 -25.32 -0.60 -20.31
N GLY B 154 -25.20 0.72 -20.44
CA GLY B 154 -24.80 1.34 -21.69
C GLY B 154 -23.52 2.12 -21.58
N ARG B 155 -22.75 1.88 -20.53
CA ARG B 155 -21.52 2.63 -20.31
C ARG B 155 -20.46 2.25 -21.34
N LYS B 156 -19.73 3.26 -21.82
CA LYS B 156 -18.51 3.04 -22.59
C LYS B 156 -17.27 3.17 -21.73
N ILE B 157 -17.35 3.90 -20.62
CA ILE B 157 -16.24 4.03 -19.67
C ILE B 157 -16.79 3.90 -18.26
N PRO B 158 -15.95 3.44 -17.33
CA PRO B 158 -16.39 3.37 -15.92
C PRO B 158 -16.68 4.75 -15.36
N PHE B 159 -17.91 4.94 -14.90
CA PHE B 159 -18.34 6.22 -14.35
C PHE B 159 -19.54 5.99 -13.45
N THR B 160 -19.51 6.60 -12.25
CA THR B 160 -20.58 6.46 -11.27
C THR B 160 -20.96 7.84 -10.77
N ALA B 161 -22.22 8.19 -10.90
CA ALA B 161 -22.72 9.47 -10.41
C ALA B 161 -22.99 9.40 -8.92
N GLU B 162 -22.85 10.55 -8.26
CA GLU B 162 -23.03 10.60 -6.81
C GLU B 162 -24.49 10.43 -6.42
N TYR B 163 -25.39 11.07 -7.15
CA TYR B 163 -26.82 11.01 -6.87
C TYR B 163 -27.57 10.59 -8.11
N VAL B 164 -28.43 9.59 -7.98
CA VAL B 164 -29.20 9.05 -9.09
C VAL B 164 -30.67 9.00 -8.67
N VAL B 165 -31.56 9.45 -9.55
CA VAL B 165 -32.99 9.44 -9.24
C VAL B 165 -33.58 8.05 -9.51
N ALA B 166 -33.34 7.51 -10.70
CA ALA B 166 -33.91 6.22 -11.07
C ALA B 166 -32.99 5.51 -12.06
N ASP B 167 -33.02 4.18 -12.01
CA ASP B 167 -32.27 3.33 -12.92
C ASP B 167 -33.19 2.78 -14.00
N VAL B 168 -32.67 2.66 -15.22
CA VAL B 168 -33.46 2.19 -16.36
C VAL B 168 -32.63 1.18 -17.14
N PRO B 169 -33.20 0.05 -17.54
CA PRO B 169 -32.46 -0.92 -18.36
C PRO B 169 -32.16 -0.35 -19.74
N ASN B 170 -31.36 -1.11 -20.49
CA ASN B 170 -30.95 -0.68 -21.82
C ASN B 170 -32.14 -0.66 -22.79
N VAL B 171 -33.04 0.31 -22.61
CA VAL B 171 -34.15 0.55 -23.52
C VAL B 171 -34.21 2.03 -23.81
N PHE B 172 -34.84 2.38 -24.93
CA PHE B 172 -34.95 3.76 -25.35
C PHE B 172 -36.19 4.39 -24.72
N VAL B 173 -35.99 5.50 -24.00
CA VAL B 173 -37.06 6.15 -23.26
C VAL B 173 -37.14 7.61 -23.66
N VAL B 174 -38.35 8.16 -23.64
CA VAL B 174 -38.60 9.56 -23.94
C VAL B 174 -39.42 10.18 -22.82
N GLY B 175 -39.49 11.49 -22.82
CA GLY B 175 -40.21 12.23 -21.80
C GLY B 175 -39.30 12.80 -20.73
N TYR B 176 -39.87 13.70 -19.94
CA TYR B 176 -39.15 14.39 -18.87
C TYR B 176 -37.89 15.08 -19.39
N GLY B 177 -37.92 15.49 -20.66
CA GLY B 177 -36.79 16.10 -21.33
C GLY B 177 -36.10 15.16 -22.32
N LEU B 178 -36.15 13.86 -22.06
CA LEU B 178 -35.58 12.90 -23.00
C LEU B 178 -36.34 12.94 -24.31
N ASP B 179 -35.61 12.98 -25.42
CA ASP B 179 -36.19 13.22 -26.73
C ASP B 179 -35.87 12.09 -27.69
N TYR B 180 -36.71 11.96 -28.70
CA TYR B 180 -36.41 11.24 -29.93
C TYR B 180 -36.51 12.23 -31.07
N ASP B 181 -35.36 12.63 -31.62
CA ASP B 181 -35.30 13.61 -32.71
C ASP B 181 -36.01 14.91 -32.32
N GLN B 182 -35.66 15.42 -31.14
CA GLN B 182 -36.14 16.71 -30.65
C GLN B 182 -37.66 16.71 -30.46
N SER B 183 -38.21 15.61 -29.96
CA SER B 183 -39.64 15.50 -29.73
C SER B 183 -39.90 14.71 -28.45
N TYR B 184 -41.15 14.78 -27.99
CA TYR B 184 -41.66 14.05 -26.83
C TYR B 184 -40.99 14.48 -25.52
N ARG B 185 -40.28 15.60 -25.50
CA ARG B 185 -39.74 16.10 -24.24
C ARG B 185 -40.84 16.54 -23.30
N GLU B 186 -41.98 16.98 -23.84
CA GLU B 186 -43.09 17.50 -23.07
C GLU B 186 -43.88 16.41 -22.34
N VAL B 187 -43.50 15.14 -22.48
CA VAL B 187 -44.19 14.06 -21.80
C VAL B 187 -43.80 14.08 -20.33
N ARG B 188 -44.80 14.05 -19.45
CA ARG B 188 -44.53 14.20 -18.02
C ARG B 188 -43.93 12.94 -17.41
N ASP B 189 -44.00 11.80 -18.10
CA ASP B 189 -43.54 10.52 -17.58
C ASP B 189 -42.49 9.92 -18.50
N VAL B 190 -41.45 9.36 -17.90
CA VAL B 190 -40.43 8.62 -18.65
C VAL B 190 -41.06 7.31 -19.12
N VAL B 191 -41.26 7.17 -20.43
CA VAL B 191 -41.95 6.03 -21.00
C VAL B 191 -41.07 5.40 -22.08
N ILE B 192 -41.33 4.14 -22.37
CA ILE B 192 -40.60 3.40 -23.40
C ILE B 192 -41.23 3.71 -24.75
N LEU B 193 -40.42 4.20 -25.68
CA LEU B 193 -40.93 4.57 -26.99
C LEU B 193 -41.24 3.33 -27.82
N LYS B 194 -42.38 3.36 -28.51
CA LYS B 194 -42.78 2.22 -29.32
C LYS B 194 -41.91 2.12 -30.57
N PRO B 195 -41.51 0.91 -30.97
CA PRO B 195 -40.78 0.76 -32.24
C PRO B 195 -41.61 1.09 -33.47
N SER B 196 -42.94 1.22 -33.32
CA SER B 196 -43.78 1.56 -34.46
C SER B 196 -43.65 3.01 -34.88
N VAL B 197 -43.13 3.87 -34.00
CA VAL B 197 -43.03 5.29 -34.31
C VAL B 197 -41.66 5.64 -34.88
N TYR B 198 -40.58 5.22 -34.23
CA TYR B 198 -39.25 5.58 -34.71
C TYR B 198 -38.78 4.71 -35.87
N GLU B 199 -39.61 3.79 -36.35
CA GLU B 199 -39.36 3.10 -37.61
C GLU B 199 -40.14 3.71 -38.77
N THR B 200 -41.35 4.21 -38.51
CA THR B 200 -42.08 4.93 -39.54
C THR B 200 -41.40 6.26 -39.89
N TRP B 201 -40.77 6.90 -38.90
CA TRP B 201 -40.09 8.16 -39.15
C TRP B 201 -38.76 7.97 -39.87
N GLY B 202 -38.14 6.80 -39.72
CA GLY B 202 -36.87 6.57 -40.39
C GLY B 202 -36.97 6.57 -41.90
N LYS B 203 -38.07 6.03 -42.43
CA LYS B 203 -38.27 5.99 -43.86
C LYS B 203 -39.06 7.21 -44.33
#